data_9GWO
#
_entry.id   9GWO
#
_cell.length_a   168.080
_cell.length_b   168.080
_cell.length_c   51.720
_cell.angle_alpha   90.000
_cell.angle_beta   90.000
_cell.angle_gamma   120.000
#
_symmetry.space_group_name_H-M   'P 31 2 1'
#
loop_
_entity.id
_entity.type
_entity.pdbx_description
1 polymer "2'-O-methyltransferase nsp16"
2 polymer 'Non-structural protein 10'
3 non-polymer '2-(N-MORPHOLINO)-ETHANESULFONIC ACID'
4 non-polymer 1,2-ETHANEDIOL
5 non-polymer 'SODIUM ION'
6 non-polymer 7-[(3~{S},4~{S},6~{R})-1-[(2~{S})-2-azanyl-3-(1~{H}-indol-3-yl)propanoyl]-4-methyl-4,6-bis(oxidanyl)azepan-3-yl]-1,3-dimethyl-purine-2,6-dione
7 non-polymer 'DIMETHYL SULFOXIDE'
8 non-polymer S-ADENOSYLMETHIONINE
9 non-polymer 'ZINC ION'
10 non-polymer IMIDAZOLE
11 water water
#
loop_
_entity_poly.entity_id
_entity_poly.type
_entity_poly.pdbx_seq_one_letter_code
_entity_poly.pdbx_strand_id
1 'polypeptide(L)'
;SSQAWQPGVAMPNLYKMQRMLLEKCDLQNYGDSATLPKGIMMNVAKYTQLCQYLNTLTLAVPYNMRVIHFGAGSDKGVAP
GTAVLRQWLPTGTLLVDSDLNDFVSDADSTLIGDCATVHTANKWDLIISDMYDPKTKNVTKENDSKEGFFTYICGFIQQK
LALGGSVAIKITEHSWNADLYKLMGHFAWWTAFVTNVNASSSEAFLIGCNYLGKPREQIDGYVMHANYIFWRNTNPIQLS
SYSLFDMSKFPLKLRGTAVMSLKEGQINDMILSLLSKGRLIIRENNRVVISSDVLVNNENLYFQ
;
A
2 'polypeptide(L)'
;GAGNATEVPANSTVLSFCAFAVDAAKAYKDYLASGGQPITNCVKMLCTHTGTGQAITVTPEANMDQESFGGASCCLYCRC
HIDHPNPKGFCDLKGKYVQIPTTCANDPVGFTLKNTVCTVCGMWKGYGCSCDQLREPMLQ
;
B
#
loop_
_chem_comp.id
_chem_comp.type
_chem_comp.name
_chem_comp.formula
A1IQS non-polymer 7-[(3~{S},4~{S},6~{R})-1-[(2~{S})-2-azanyl-3-(1~{H}-indol-3-yl)propanoyl]-4-methyl-4,6-bis(oxidanyl)azepan-3-yl]-1,3-dimethyl-purine-2,6-dione 'C25 H31 N7 O5'
DMS non-polymer 'DIMETHYL SULFOXIDE' 'C2 H6 O S'
EDO non-polymer 1,2-ETHANEDIOL 'C2 H6 O2'
IMD non-polymer IMIDAZOLE 'C3 H5 N2 1'
MES non-polymer '2-(N-MORPHOLINO)-ETHANESULFONIC ACID' 'C6 H13 N O4 S'
NA non-polymer 'SODIUM ION' 'Na 1'
SAM non-polymer S-ADENOSYLMETHIONINE 'C15 H22 N6 O5 S'
ZN non-polymer 'ZINC ION' 'Zn 2'
#
# COMPACT_ATOMS: atom_id res chain seq x y z
N SER A 1 1.03 22.08 -15.40
CA SER A 1 1.15 23.34 -14.68
C SER A 1 0.73 23.16 -13.23
N SER A 2 -0.58 23.32 -13.02
CA SER A 2 -1.26 23.12 -11.75
C SER A 2 -1.09 21.67 -11.29
N GLN A 3 -0.61 20.81 -12.19
CA GLN A 3 -0.48 19.41 -11.87
C GLN A 3 0.56 19.17 -10.78
N ALA A 4 1.55 20.06 -10.65
CA ALA A 4 2.60 19.82 -9.67
C ALA A 4 2.09 19.85 -8.22
N TRP A 5 0.92 20.43 -7.98
CA TRP A 5 0.34 20.44 -6.65
C TRP A 5 -0.65 19.31 -6.44
N GLN A 6 -0.91 18.51 -7.47
CA GLN A 6 -1.72 17.32 -7.31
C GLN A 6 -0.85 16.16 -6.81
N PRO A 7 -1.48 15.09 -6.29
CA PRO A 7 -0.68 13.90 -5.94
C PRO A 7 -0.07 13.23 -7.16
N GLY A 8 -0.65 13.43 -8.34
CA GLY A 8 -0.15 12.79 -9.55
C GLY A 8 -1.06 13.14 -10.70
N VAL A 9 -0.92 12.41 -11.80
CA VAL A 9 -1.71 12.70 -13.00
C VAL A 9 -2.37 11.42 -13.48
N ALA A 10 -3.67 11.50 -13.74
CA ALA A 10 -4.42 10.39 -14.31
C ALA A 10 -4.50 10.52 -15.83
N MET A 11 -4.55 9.38 -16.50
CA MET A 11 -4.61 9.37 -17.96
C MET A 11 -5.89 10.07 -18.44
N PRO A 12 -5.79 11.13 -19.22
CA PRO A 12 -7.01 11.84 -19.67
C PRO A 12 -7.89 10.98 -20.57
N ASN A 13 -9.21 11.19 -20.44
CA ASN A 13 -10.16 10.31 -21.12
C ASN A 13 -9.92 10.23 -22.61
N LEU A 14 -9.49 11.34 -23.24
CA LEU A 14 -9.32 11.33 -24.70
C LEU A 14 -8.24 10.35 -25.11
N TYR A 15 -7.18 10.21 -24.29
CA TYR A 15 -6.15 9.25 -24.64
C TYR A 15 -6.68 7.82 -24.55
N LYS A 16 -7.60 7.56 -23.63
CA LYS A 16 -8.19 6.22 -23.55
C LYS A 16 -8.93 5.84 -24.82
N MET A 17 -9.45 6.83 -25.56
CA MET A 17 -10.29 6.57 -26.73
C MET A 17 -9.51 6.43 -28.03
N GLN A 18 -8.18 6.52 -28.00
CA GLN A 18 -7.40 6.44 -29.22
C GLN A 18 -7.25 4.98 -29.62
N ARG A 19 -6.64 4.73 -30.78
CA ARG A 19 -6.26 3.38 -31.19
C ARG A 19 -4.80 3.42 -31.65
N MET A 20 -3.90 3.65 -30.70
CA MET A 20 -2.49 3.80 -31.02
C MET A 20 -1.83 2.44 -31.19
N LEU A 21 -0.66 2.45 -31.83
CA LEU A 21 0.22 1.30 -31.89
C LEU A 21 1.29 1.42 -30.82
N LEU A 22 1.80 0.28 -30.37
CA LEU A 22 2.72 0.26 -29.25
C LEU A 22 4.10 0.73 -29.70
N GLU A 23 4.62 1.72 -28.99
CA GLU A 23 5.95 2.26 -29.22
C GLU A 23 6.79 2.09 -27.97
N LYS A 24 8.09 2.28 -28.13
CA LYS A 24 8.99 2.38 -26.99
C LYS A 24 8.62 3.58 -26.13
N CYS A 25 8.75 3.43 -24.81
CA CYS A 25 8.48 4.52 -23.90
C CYS A 25 9.75 5.33 -23.73
N ASP A 26 9.67 6.62 -24.04
CA ASP A 26 10.82 7.51 -23.98
C ASP A 26 10.40 8.73 -23.18
N LEU A 27 10.83 8.79 -21.92
CA LEU A 27 10.40 9.83 -21.00
C LEU A 27 11.44 10.95 -20.97
N GLN A 28 10.99 12.16 -21.29
CA GLN A 28 11.87 13.32 -21.28
C GLN A 28 12.50 13.53 -19.91
N ASN A 29 11.71 13.35 -18.84
CA ASN A 29 12.16 13.55 -17.47
C ASN A 29 12.79 12.30 -16.87
N TYR A 30 13.16 11.32 -17.71
CA TYR A 30 13.77 10.09 -17.21
C TYR A 30 15.08 10.41 -16.49
N GLY A 31 15.23 9.89 -15.28
CA GLY A 31 16.41 10.12 -14.50
C GLY A 31 16.34 11.28 -13.53
N ASP A 32 15.47 12.27 -13.78
CA ASP A 32 15.10 13.23 -12.75
C ASP A 32 14.65 12.51 -11.48
N SER A 33 14.72 13.21 -10.34
CA SER A 33 14.14 12.73 -9.10
C SER A 33 13.45 13.90 -8.40
N ALA A 34 12.35 13.60 -7.73
CA ALA A 34 11.74 14.60 -6.88
C ALA A 34 12.54 14.71 -5.59
N THR A 35 12.36 15.84 -4.90
CA THR A 35 13.01 16.06 -3.61
C THR A 35 12.06 15.58 -2.52
N LEU A 36 12.34 14.44 -1.95
CA LEU A 36 11.48 13.93 -0.91
C LEU A 36 11.74 14.66 0.41
N PRO A 37 10.70 14.84 1.25
CA PRO A 37 10.93 15.40 2.60
C PRO A 37 12.01 14.63 3.31
N LYS A 38 12.65 15.28 4.27
CA LYS A 38 13.81 14.67 4.93
C LYS A 38 13.45 13.32 5.54
N GLY A 39 14.24 12.29 5.21
CA GLY A 39 14.07 10.97 5.78
C GLY A 39 12.92 10.14 5.27
N ILE A 40 12.19 10.60 4.24
CA ILE A 40 11.04 9.85 3.70
C ILE A 40 11.50 9.00 2.52
N MET A 41 11.13 7.71 2.53
CA MET A 41 11.43 6.74 1.47
C MET A 41 10.54 6.95 0.24
N MET A 42 11.11 6.69 -0.95
CA MET A 42 10.32 6.73 -2.18
C MET A 42 9.01 5.96 -2.05
N ASN A 43 9.03 4.79 -1.44
CA ASN A 43 7.80 3.99 -1.45
C ASN A 43 6.76 4.52 -0.48
N VAL A 44 7.16 5.17 0.61
CA VAL A 44 6.17 5.84 1.44
C VAL A 44 5.51 6.99 0.66
N ALA A 45 6.33 7.77 -0.03
CA ALA A 45 5.83 8.90 -0.80
C ALA A 45 4.92 8.43 -1.94
N LYS A 46 5.34 7.38 -2.63
CA LYS A 46 4.54 6.87 -3.74
C LYS A 46 3.17 6.39 -3.25
N TYR A 47 3.15 5.57 -2.20
CA TYR A 47 1.86 5.12 -1.68
C TYR A 47 1.03 6.27 -1.13
N THR A 48 1.67 7.22 -0.46
CA THR A 48 0.90 8.37 0.02
C THR A 48 0.17 9.07 -1.12
N GLN A 49 0.86 9.29 -2.26
CA GLN A 49 0.20 9.98 -3.38
C GLN A 49 -0.86 9.10 -4.03
N LEU A 50 -0.63 7.79 -4.09
CA LEU A 50 -1.68 6.91 -4.59
C LEU A 50 -2.94 7.03 -3.74
N CYS A 51 -2.78 7.02 -2.40
CA CYS A 51 -3.94 7.15 -1.52
C CYS A 51 -4.58 8.53 -1.63
N GLN A 52 -3.77 9.59 -1.76
CA GLN A 52 -4.36 10.92 -1.94
C GLN A 52 -5.22 10.97 -3.19
N TYR A 53 -4.78 10.31 -4.26
CA TYR A 53 -5.61 10.27 -5.46
C TYR A 53 -6.84 9.39 -5.28
N LEU A 54 -6.69 8.24 -4.61
CA LEU A 54 -7.87 7.41 -4.36
C LEU A 54 -8.89 8.15 -3.49
N ASN A 55 -8.45 9.10 -2.67
CA ASN A 55 -9.40 9.91 -1.91
C ASN A 55 -10.34 10.71 -2.81
N THR A 56 -10.00 10.92 -4.07
CA THR A 56 -10.86 11.70 -4.95
C THR A 56 -11.86 10.85 -5.71
N LEU A 57 -11.85 9.54 -5.54
CA LEU A 57 -12.74 8.67 -6.30
C LEU A 57 -13.89 8.22 -5.41
N THR A 58 -14.84 7.51 -6.00
CA THR A 58 -16.01 7.05 -5.26
C THR A 58 -15.80 5.63 -4.72
N LEU A 59 -14.77 5.49 -3.88
CA LEU A 59 -14.50 4.20 -3.25
C LEU A 59 -15.58 3.84 -2.24
N ALA A 60 -16.01 2.58 -2.28
CA ALA A 60 -16.87 2.05 -1.22
C ALA A 60 -16.04 1.84 0.04
N VAL A 61 -16.54 2.33 1.17
CA VAL A 61 -15.80 2.17 2.43
C VAL A 61 -16.73 1.62 3.50
N PRO A 62 -16.95 0.30 3.52
CA PRO A 62 -17.85 -0.28 4.51
C PRO A 62 -17.21 -0.36 5.89
N TYR A 63 -18.07 -0.58 6.89
CA TYR A 63 -17.56 -1.08 8.17
C TYR A 63 -16.93 -2.43 7.93
N ASN A 64 -15.90 -2.75 8.70
CA ASN A 64 -15.21 -4.02 8.57
C ASN A 64 -14.75 -4.23 7.11
N MET A 65 -14.10 -3.20 6.60
CA MET A 65 -13.55 -3.23 5.26
C MET A 65 -12.42 -4.25 5.19
N ARG A 66 -12.26 -4.87 4.03
CA ARG A 66 -11.24 -5.88 3.79
C ARG A 66 -10.34 -5.46 2.63
N VAL A 67 -9.05 -5.32 2.90
CA VAL A 67 -8.08 -4.88 1.89
C VAL A 67 -6.95 -5.91 1.83
N ILE A 68 -6.56 -6.30 0.62
CA ILE A 68 -5.41 -7.19 0.45
C ILE A 68 -4.38 -6.51 -0.44
N HIS A 69 -3.12 -6.63 -0.05
CA HIS A 69 -2.00 -5.91 -0.66
C HIS A 69 -0.95 -6.92 -1.12
N PHE A 70 -0.84 -7.13 -2.43
CA PHE A 70 0.19 -8.01 -2.99
C PHE A 70 1.45 -7.25 -3.34
N GLY A 71 2.58 -7.94 -3.29
CA GLY A 71 3.86 -7.30 -3.55
C GLY A 71 4.27 -6.31 -2.49
N ALA A 72 4.02 -6.64 -1.22
CA ALA A 72 4.17 -5.69 -0.12
C ALA A 72 5.56 -5.64 0.48
N GLY A 73 6.42 -6.61 0.22
CA GLY A 73 7.77 -6.59 0.80
C GLY A 73 8.74 -5.73 0.01
N SER A 74 9.68 -5.13 0.73
CA SER A 74 10.78 -4.40 0.11
C SER A 74 12.07 -5.20 0.26
N ASP A 75 13.07 -4.85 -0.54
CA ASP A 75 14.39 -5.44 -0.35
C ASP A 75 14.99 -5.07 0.99
N LYS A 76 14.39 -4.11 1.71
CA LYS A 76 14.82 -3.77 3.06
C LYS A 76 14.24 -4.69 4.12
N GLY A 77 13.37 -5.64 3.75
CA GLY A 77 12.74 -6.50 4.72
C GLY A 77 11.56 -5.92 5.48
N VAL A 78 11.07 -4.73 5.09
CA VAL A 78 9.91 -4.12 5.74
C VAL A 78 8.84 -3.86 4.68
N ALA A 79 7.73 -3.24 5.07
CA ALA A 79 6.57 -3.06 4.19
C ALA A 79 6.11 -1.60 4.26
N PRO A 80 6.83 -0.69 3.60
CA PRO A 80 6.45 0.73 3.66
C PRO A 80 5.05 0.99 3.12
N GLY A 81 4.71 0.41 1.97
CA GLY A 81 3.37 0.62 1.41
C GLY A 81 2.27 0.16 2.34
N THR A 82 2.47 -0.98 3.00
CA THR A 82 1.47 -1.46 3.94
C THR A 82 1.27 -0.46 5.07
N ALA A 83 2.36 0.15 5.55
CA ALA A 83 2.23 1.11 6.64
C ALA A 83 1.40 2.31 6.21
N VAL A 84 1.58 2.77 4.97
CA VAL A 84 0.79 3.88 4.46
C VAL A 84 -0.66 3.47 4.29
N LEU A 85 -0.91 2.28 3.74
CA LEU A 85 -2.28 1.83 3.60
C LEU A 85 -2.99 1.77 4.95
N ARG A 86 -2.30 1.26 5.97
CA ARG A 86 -2.92 1.17 7.29
C ARG A 86 -3.18 2.55 7.86
N GLN A 87 -2.27 3.50 7.65
CA GLN A 87 -2.51 4.87 8.05
C GLN A 87 -3.74 5.43 7.33
N TRP A 88 -3.83 5.18 6.03
CA TRP A 88 -4.90 5.72 5.20
C TRP A 88 -6.26 5.13 5.55
N LEU A 89 -6.31 3.80 5.72
CA LEU A 89 -7.58 3.12 5.89
C LEU A 89 -8.16 3.36 7.29
N PRO A 90 -9.48 3.34 7.43
CA PRO A 90 -10.09 3.53 8.75
C PRO A 90 -9.52 2.53 9.76
N THR A 91 -9.37 2.98 11.00
CA THR A 91 -8.90 2.08 12.05
C THR A 91 -9.81 0.88 12.17
N GLY A 92 -9.22 -0.31 12.28
CA GLY A 92 -9.98 -1.53 12.31
C GLY A 92 -10.08 -2.24 10.97
N THR A 93 -9.74 -1.58 9.87
CA THR A 93 -9.79 -2.23 8.56
C THR A 93 -8.92 -3.48 8.56
N LEU A 94 -9.49 -4.58 8.10
CA LEU A 94 -8.72 -5.81 7.94
C LEU A 94 -7.78 -5.68 6.76
N LEU A 95 -6.48 -5.73 7.03
CA LEU A 95 -5.47 -5.55 5.99
C LEU A 95 -4.58 -6.79 5.97
N VAL A 96 -4.54 -7.46 4.82
CA VAL A 96 -3.67 -8.61 4.59
C VAL A 96 -2.65 -8.23 3.53
N ASP A 97 -1.38 -8.57 3.75
CA ASP A 97 -0.42 -8.35 2.67
C ASP A 97 0.38 -9.63 2.41
N SER A 98 1.17 -9.59 1.34
CA SER A 98 1.78 -10.79 0.81
C SER A 98 2.98 -10.41 -0.05
N ASP A 99 3.95 -11.31 -0.08
CA ASP A 99 5.08 -11.15 -1.00
C ASP A 99 5.81 -12.48 -1.11
N LEU A 100 6.67 -12.55 -2.14
CA LEU A 100 7.47 -13.74 -2.39
C LEU A 100 8.45 -13.98 -1.25
N ASN A 101 9.09 -12.93 -0.76
CA ASN A 101 10.16 -13.02 0.21
C ASN A 101 9.72 -12.49 1.58
N ASP A 102 10.40 -12.98 2.60
CA ASP A 102 10.06 -12.66 3.99
C ASP A 102 10.20 -11.17 4.27
N PHE A 103 9.27 -10.64 5.06
CA PHE A 103 9.37 -9.23 5.47
C PHE A 103 8.52 -9.04 6.72
N VAL A 104 8.83 -7.99 7.49
CA VAL A 104 8.02 -7.69 8.67
C VAL A 104 7.06 -6.56 8.32
N SER A 105 5.83 -6.68 8.77
CA SER A 105 4.75 -5.88 8.26
C SER A 105 3.80 -5.49 9.38
N ASP A 106 3.12 -4.36 9.19
CA ASP A 106 2.05 -3.93 10.09
C ASP A 106 0.70 -4.50 9.73
N ALA A 107 0.60 -5.31 8.68
CA ALA A 107 -0.69 -5.87 8.31
C ALA A 107 -1.22 -6.78 9.41
N ASP A 108 -2.53 -7.06 9.36
CA ASP A 108 -3.12 -7.98 10.34
C ASP A 108 -2.68 -9.42 10.09
N SER A 109 -2.49 -9.81 8.84
CA SER A 109 -1.88 -11.09 8.50
C SER A 109 -1.02 -10.89 7.27
N THR A 110 0.06 -11.67 7.19
CA THR A 110 1.01 -11.63 6.10
C THR A 110 1.22 -13.05 5.58
N LEU A 111 1.14 -13.23 4.28
CA LEU A 111 1.40 -14.52 3.65
C LEU A 111 2.66 -14.40 2.80
N ILE A 112 3.60 -15.34 2.98
CA ILE A 112 4.86 -15.33 2.25
C ILE A 112 4.82 -16.46 1.24
N GLY A 113 5.14 -16.13 -0.01
CA GLY A 113 5.17 -17.09 -1.10
C GLY A 113 4.73 -16.47 -2.40
N ASP A 114 4.79 -17.24 -3.49
CA ASP A 114 4.28 -16.74 -4.76
C ASP A 114 2.79 -16.44 -4.64
N CYS A 115 2.33 -15.35 -5.26
CA CYS A 115 0.95 -14.97 -5.06
C CYS A 115 -0.01 -16.08 -5.46
N ALA A 116 0.41 -16.93 -6.40
CA ALA A 116 -0.45 -18.04 -6.82
C ALA A 116 -0.71 -19.03 -5.70
N THR A 117 0.09 -19.01 -4.63
CA THR A 117 -0.20 -19.89 -3.50
C THR A 117 -1.21 -19.32 -2.53
N VAL A 118 -1.71 -18.10 -2.76
CA VAL A 118 -2.60 -17.43 -1.82
C VAL A 118 -4.05 -17.78 -2.15
N HIS A 119 -4.79 -18.23 -1.12
CA HIS A 119 -6.22 -18.48 -1.24
C HIS A 119 -6.96 -17.74 -0.14
N THR A 120 -8.16 -17.28 -0.45
CA THR A 120 -8.99 -16.66 0.57
C THR A 120 -10.40 -17.18 0.41
N ALA A 121 -11.06 -17.41 1.56
CA ALA A 121 -12.44 -17.85 1.52
C ALA A 121 -13.34 -16.70 1.08
N ASN A 122 -13.01 -15.49 1.52
CA ASN A 122 -13.90 -14.35 1.46
C ASN A 122 -13.56 -13.45 0.26
N LYS A 123 -14.42 -12.45 0.07
CA LYS A 123 -14.21 -11.45 -0.97
C LYS A 123 -13.68 -10.16 -0.34
N TRP A 124 -13.14 -9.29 -1.19
CA TRP A 124 -12.38 -8.15 -0.71
C TRP A 124 -12.99 -6.86 -1.25
N ASP A 125 -12.79 -5.78 -0.51
CA ASP A 125 -13.31 -4.49 -0.94
C ASP A 125 -12.29 -3.67 -1.73
N LEU A 126 -11.00 -3.92 -1.54
CA LEU A 126 -9.94 -3.17 -2.20
C LEU A 126 -8.77 -4.11 -2.35
N ILE A 127 -8.23 -4.20 -3.57
CA ILE A 127 -7.04 -4.99 -3.86
C ILE A 127 -5.95 -4.03 -4.35
N ILE A 128 -4.79 -4.03 -3.69
CA ILE A 128 -3.64 -3.23 -4.09
C ILE A 128 -2.54 -4.18 -4.47
N SER A 129 -1.90 -3.94 -5.61
CA SER A 129 -0.76 -4.77 -6.01
C SER A 129 0.38 -3.89 -6.43
N ASP A 130 1.53 -4.08 -5.78
CA ASP A 130 2.78 -3.49 -6.21
C ASP A 130 3.70 -4.55 -6.84
N MET A 131 3.16 -5.69 -7.22
CA MET A 131 4.00 -6.77 -7.73
C MET A 131 4.71 -6.32 -9.00
N TYR A 132 5.99 -6.66 -9.09
CA TYR A 132 6.84 -6.19 -10.16
C TYR A 132 8.09 -7.05 -10.22
N ASP A 133 8.47 -7.48 -11.41
CA ASP A 133 9.75 -8.19 -11.60
C ASP A 133 10.70 -7.35 -12.45
N PRO A 134 11.80 -6.83 -11.90
CA PRO A 134 12.66 -5.92 -12.68
C PRO A 134 13.29 -6.57 -13.89
N LYS A 135 13.30 -7.90 -13.99
CA LYS A 135 13.76 -8.57 -15.20
C LYS A 135 12.81 -8.41 -16.38
N THR A 136 11.72 -7.63 -16.26
CA THR A 136 10.91 -7.31 -17.43
C THR A 136 11.42 -6.09 -18.18
N LYS A 137 12.27 -5.27 -17.57
CA LYS A 137 12.78 -4.05 -18.20
C LYS A 137 13.86 -4.33 -19.24
N ASN A 138 13.72 -5.43 -19.98
CA ASN A 138 14.65 -5.83 -21.04
C ASN A 138 14.24 -5.13 -22.33
N VAL A 139 14.95 -4.03 -22.65
CA VAL A 139 14.61 -3.21 -23.82
C VAL A 139 15.02 -3.83 -25.15
N THR A 140 15.72 -4.97 -25.14
CA THR A 140 16.23 -5.58 -26.36
C THR A 140 15.23 -6.52 -27.04
N LYS A 141 14.22 -7.02 -26.33
CA LYS A 141 13.25 -7.95 -26.89
C LYS A 141 11.87 -7.29 -26.99
N GLU A 142 11.02 -7.89 -27.82
CA GLU A 142 9.69 -7.36 -28.05
C GLU A 142 8.92 -7.23 -26.73
N ASN A 143 7.97 -6.29 -26.69
CA ASN A 143 7.23 -5.98 -25.47
C ASN A 143 5.81 -6.55 -25.58
N ASP A 144 5.65 -7.79 -25.16
CA ASP A 144 4.36 -8.46 -25.26
C ASP A 144 3.64 -8.47 -23.91
N SER A 145 2.33 -8.72 -23.96
CA SER A 145 1.54 -8.87 -22.75
C SER A 145 2.16 -9.95 -21.88
N LYS A 146 2.30 -9.68 -20.58
CA LYS A 146 2.96 -10.60 -19.67
C LYS A 146 1.93 -11.42 -18.90
N GLU A 147 2.32 -12.64 -18.53
CA GLU A 147 1.44 -13.52 -17.76
C GLU A 147 1.85 -13.50 -16.30
N GLY A 148 2.37 -14.62 -15.80
CA GLY A 148 2.88 -14.69 -14.44
C GLY A 148 1.85 -14.20 -13.44
N PHE A 149 2.28 -13.31 -12.53
CA PHE A 149 1.36 -12.89 -11.48
C PHE A 149 0.17 -12.11 -12.03
N PHE A 150 0.24 -11.59 -13.25
CA PHE A 150 -0.92 -10.90 -13.81
C PHE A 150 -2.06 -11.86 -14.08
N THR A 151 -1.75 -13.11 -14.47
CA THR A 151 -2.80 -14.08 -14.64
C THR A 151 -3.50 -14.33 -13.32
N TYR A 152 -2.73 -14.46 -12.24
CA TYR A 152 -3.34 -14.64 -10.92
C TYR A 152 -4.21 -13.44 -10.56
N ILE A 153 -3.69 -12.23 -10.75
CA ILE A 153 -4.43 -11.02 -10.37
C ILE A 153 -5.77 -10.94 -11.09
N CYS A 154 -5.80 -11.22 -12.39
CA CYS A 154 -7.08 -11.16 -13.12
C CYS A 154 -8.07 -12.17 -12.54
N GLY A 155 -7.61 -13.40 -12.29
CA GLY A 155 -8.50 -14.39 -11.71
C GLY A 155 -8.93 -14.01 -10.32
N PHE A 156 -7.99 -13.50 -9.51
CA PHE A 156 -8.33 -13.09 -8.16
C PHE A 156 -9.39 -11.99 -8.20
N ILE A 157 -9.29 -11.06 -9.15
CA ILE A 157 -10.28 -9.99 -9.19
C ILE A 157 -11.66 -10.55 -9.53
N GLN A 158 -11.73 -11.40 -10.55
CA GLN A 158 -13.02 -11.90 -10.99
C GLN A 158 -13.68 -12.81 -9.97
N GLN A 159 -12.89 -13.54 -9.18
CA GLN A 159 -13.46 -14.47 -8.21
C GLN A 159 -13.60 -13.90 -6.81
N LYS A 160 -12.75 -12.94 -6.41
CA LYS A 160 -12.67 -12.54 -5.02
C LYS A 160 -12.84 -11.05 -4.77
N LEU A 161 -13.13 -10.24 -5.78
CA LEU A 161 -13.39 -8.83 -5.53
C LEU A 161 -14.89 -8.63 -5.36
N ALA A 162 -15.28 -8.00 -4.26
CA ALA A 162 -16.69 -7.72 -4.04
C ALA A 162 -17.22 -6.81 -5.13
N LEU A 163 -18.49 -6.99 -5.49
CA LEU A 163 -19.11 -6.00 -6.35
C LEU A 163 -19.10 -4.66 -5.64
N GLY A 164 -18.74 -3.60 -6.36
CA GLY A 164 -18.56 -2.32 -5.74
C GLY A 164 -17.14 -2.04 -5.28
N GLY A 165 -16.30 -3.07 -5.18
CA GLY A 165 -14.92 -2.91 -4.77
C GLY A 165 -14.06 -2.22 -5.83
N SER A 166 -12.83 -1.91 -5.46
CA SER A 166 -11.90 -1.20 -6.32
C SER A 166 -10.53 -1.87 -6.28
N VAL A 167 -9.71 -1.58 -7.30
CA VAL A 167 -8.36 -2.14 -7.37
C VAL A 167 -7.37 -1.05 -7.82
N ALA A 168 -6.11 -1.23 -7.43
CA ALA A 168 -5.00 -0.43 -7.93
C ALA A 168 -3.81 -1.36 -8.15
N ILE A 169 -3.41 -1.55 -9.42
CA ILE A 169 -2.45 -2.57 -9.82
C ILE A 169 -1.28 -1.88 -10.50
N LYS A 170 -0.07 -2.04 -9.96
CA LYS A 170 1.10 -1.41 -10.56
C LYS A 170 1.44 -2.06 -11.90
N ILE A 171 1.60 -1.22 -12.93
CA ILE A 171 2.12 -1.62 -14.24
C ILE A 171 3.29 -0.71 -14.57
N THR A 172 4.04 -1.09 -15.61
CA THR A 172 5.11 -0.27 -16.19
C THR A 172 5.04 -0.44 -17.70
N GLU A 173 6.00 0.14 -18.41
CA GLU A 173 6.05 -0.05 -19.86
C GLU A 173 6.06 -1.54 -20.22
N HIS A 174 6.91 -2.31 -19.56
CA HIS A 174 7.06 -3.74 -19.88
C HIS A 174 6.29 -4.69 -18.96
N SER A 175 5.90 -4.23 -17.76
CA SER A 175 5.15 -5.06 -16.81
C SER A 175 3.67 -4.69 -16.93
N TRP A 176 2.96 -5.41 -17.77
CA TRP A 176 1.56 -5.12 -18.07
C TRP A 176 0.92 -6.38 -18.63
N ASN A 177 -0.41 -6.35 -18.72
CA ASN A 177 -1.14 -7.53 -19.18
C ASN A 177 -2.40 -7.04 -19.86
N ALA A 178 -2.72 -7.62 -21.03
CA ALA A 178 -3.84 -7.13 -21.83
C ALA A 178 -5.18 -7.47 -21.20
N ASP A 179 -5.30 -8.65 -20.58
CA ASP A 179 -6.57 -9.01 -19.92
C ASP A 179 -6.86 -8.12 -18.72
N LEU A 180 -5.83 -7.65 -18.03
CA LEU A 180 -6.07 -6.71 -16.94
C LEU A 180 -6.68 -5.40 -17.45
N TYR A 181 -6.15 -4.85 -18.55
CA TYR A 181 -6.80 -3.69 -19.17
C TYR A 181 -8.23 -4.02 -19.58
N LYS A 182 -8.42 -5.17 -20.22
CA LYS A 182 -9.78 -5.58 -20.56
C LYS A 182 -10.68 -5.61 -19.32
N LEU A 183 -10.15 -6.09 -18.20
CA LEU A 183 -10.96 -6.17 -16.98
C LEU A 183 -11.29 -4.78 -16.43
N MET A 184 -10.50 -3.77 -16.77
CA MET A 184 -10.86 -2.41 -16.36
C MET A 184 -12.24 -2.02 -16.87
N GLY A 185 -12.66 -2.57 -18.01
CA GLY A 185 -13.99 -2.23 -18.48
C GLY A 185 -15.12 -2.91 -17.74
N HIS A 186 -14.81 -3.67 -16.69
CA HIS A 186 -15.81 -4.29 -15.81
C HIS A 186 -16.02 -3.48 -14.54
N PHE A 187 -15.48 -2.27 -14.50
CA PHE A 187 -15.68 -1.33 -13.41
C PHE A 187 -16.50 -0.16 -13.93
N ALA A 188 -17.12 0.56 -13.01
CA ALA A 188 -17.87 1.74 -13.40
C ALA A 188 -16.97 2.80 -14.01
N TRP A 189 -15.70 2.82 -13.62
CA TRP A 189 -14.74 3.79 -14.15
C TRP A 189 -13.35 3.22 -13.95
N TRP A 190 -12.38 3.73 -14.71
CA TRP A 190 -11.02 3.23 -14.62
C TRP A 190 -10.06 4.33 -15.09
N THR A 191 -8.80 4.22 -14.68
CA THR A 191 -7.76 5.11 -15.18
C THR A 191 -6.39 4.47 -14.94
N ALA A 192 -5.36 5.10 -15.50
CA ALA A 192 -3.97 4.81 -15.18
C ALA A 192 -3.41 6.05 -14.53
N PHE A 193 -2.94 5.91 -13.30
CA PHE A 193 -2.55 7.03 -12.46
C PHE A 193 -1.05 7.00 -12.23
N VAL A 194 -0.40 8.13 -12.50
CA VAL A 194 1.04 8.28 -12.32
C VAL A 194 1.28 9.17 -11.12
N THR A 195 2.07 8.70 -10.15
CA THR A 195 2.37 9.54 -9.00
C THR A 195 3.38 10.62 -9.38
N ASN A 196 3.19 11.82 -8.83
CA ASN A 196 4.12 12.90 -9.16
C ASN A 196 5.53 12.65 -8.63
N VAL A 197 5.71 11.87 -7.55
CA VAL A 197 7.08 11.61 -7.10
C VAL A 197 7.80 10.65 -8.03
N ASN A 198 7.09 9.82 -8.78
CA ASN A 198 7.76 8.83 -9.61
C ASN A 198 7.45 9.05 -11.09
N ALA A 199 7.12 10.29 -11.46
CA ALA A 199 6.71 10.60 -12.83
C ALA A 199 7.82 10.44 -13.86
N SER A 200 9.07 10.26 -13.43
CA SER A 200 10.13 9.98 -14.39
C SER A 200 10.17 8.51 -14.79
N SER A 201 9.26 7.71 -14.27
CA SER A 201 9.22 6.28 -14.54
C SER A 201 7.97 5.97 -15.34
N SER A 202 8.04 4.90 -16.16
CA SER A 202 6.85 4.49 -16.89
C SER A 202 5.83 3.78 -15.99
N GLU A 203 6.15 3.62 -14.71
CA GLU A 203 5.20 3.06 -13.78
C GLU A 203 3.87 3.83 -13.82
N ALA A 204 2.77 3.11 -13.62
CA ALA A 204 1.47 3.69 -13.34
C ALA A 204 0.71 2.68 -12.49
N PHE A 205 -0.33 3.15 -11.81
CA PHE A 205 -1.27 2.27 -11.16
C PHE A 205 -2.53 2.21 -12.01
N LEU A 206 -2.87 1.01 -12.48
CA LEU A 206 -4.15 0.78 -13.15
C LEU A 206 -5.25 0.66 -12.10
N ILE A 207 -6.16 1.62 -12.09
CA ILE A 207 -7.17 1.76 -11.06
C ILE A 207 -8.53 1.44 -11.66
N GLY A 208 -9.19 0.43 -11.11
CA GLY A 208 -10.57 0.12 -11.45
C GLY A 208 -11.45 0.52 -10.28
N CYS A 209 -12.48 1.32 -10.56
CA CYS A 209 -13.26 2.00 -9.53
C CYS A 209 -14.68 1.47 -9.56
N ASN A 210 -15.08 0.73 -8.50
CA ASN A 210 -16.41 0.16 -8.31
C ASN A 210 -16.70 -0.98 -9.29
N TYR A 211 -16.40 -2.20 -8.85
CA TYR A 211 -16.48 -3.38 -9.71
C TYR A 211 -17.94 -3.77 -9.97
N LEU A 212 -18.26 -4.09 -11.22
CA LEU A 212 -19.61 -4.45 -11.62
C LEU A 212 -19.77 -5.92 -11.96
N GLY A 213 -18.67 -6.65 -12.11
CA GLY A 213 -18.75 -8.08 -12.33
C GLY A 213 -19.11 -8.50 -13.73
N LYS A 214 -19.27 -7.56 -14.66
CA LYS A 214 -19.51 -7.86 -16.06
C LYS A 214 -19.08 -6.67 -16.88
N PRO A 215 -18.85 -6.85 -18.18
CA PRO A 215 -18.31 -5.75 -19.00
C PRO A 215 -19.33 -4.64 -19.12
N ARG A 216 -18.95 -3.46 -18.66
CA ARG A 216 -19.65 -2.24 -19.02
C ARG A 216 -19.19 -1.72 -20.36
N GLU A 217 -17.96 -2.06 -20.75
CA GLU A 217 -17.35 -1.57 -21.97
C GLU A 217 -16.32 -2.57 -22.44
N GLN A 218 -16.21 -2.74 -23.75
CA GLN A 218 -15.24 -3.65 -24.34
C GLN A 218 -13.94 -2.90 -24.56
N ILE A 219 -12.85 -3.42 -23.98
CA ILE A 219 -11.54 -2.79 -24.06
C ILE A 219 -10.58 -3.81 -24.64
N ASP A 220 -9.88 -3.42 -25.71
CA ASP A 220 -8.76 -4.18 -26.25
C ASP A 220 -7.51 -3.77 -25.47
N GLY A 221 -6.94 -4.71 -24.71
CA GLY A 221 -5.86 -4.36 -23.79
C GLY A 221 -4.53 -4.08 -24.48
N TYR A 222 -4.27 -4.72 -25.62
CA TYR A 222 -3.05 -4.39 -26.37
C TYR A 222 -3.10 -2.95 -26.87
N VAL A 223 -4.26 -2.55 -27.39
CA VAL A 223 -4.42 -1.16 -27.82
C VAL A 223 -4.37 -0.21 -26.64
N MET A 224 -5.00 -0.56 -25.52
CA MET A 224 -5.05 0.41 -24.44
C MET A 224 -3.67 0.64 -23.83
N HIS A 225 -2.82 -0.39 -23.78
CA HIS A 225 -1.47 -0.15 -23.27
C HIS A 225 -0.68 0.73 -24.25
N ALA A 226 -0.91 0.54 -25.55
CA ALA A 226 -0.31 1.44 -26.53
C ALA A 226 -0.80 2.86 -26.31
N ASN A 227 -2.09 3.01 -25.99
CA ASN A 227 -2.63 4.34 -25.69
C ASN A 227 -1.97 4.93 -24.46
N TYR A 228 -1.75 4.10 -23.43
CA TYR A 228 -1.11 4.56 -22.21
C TYR A 228 0.30 5.06 -22.49
N ILE A 229 1.08 4.27 -23.24
CA ILE A 229 2.44 4.65 -23.58
C ILE A 229 2.46 5.91 -24.45
N PHE A 230 1.53 6.00 -25.40
CA PHE A 230 1.40 7.23 -26.18
C PHE A 230 1.20 8.45 -25.28
N TRP A 231 0.24 8.36 -24.35
CA TRP A 231 0.03 9.45 -23.38
C TRP A 231 1.34 9.79 -22.67
N ARG A 232 1.99 8.79 -22.08
CA ARG A 232 3.23 9.04 -21.36
C ARG A 232 4.29 9.65 -22.28
N ASN A 233 4.38 9.18 -23.53
CA ASN A 233 5.43 9.66 -24.45
C ASN A 233 5.24 11.13 -24.81
N THR A 234 3.99 11.63 -24.82
CA THR A 234 3.71 12.97 -25.31
C THR A 234 3.34 13.96 -24.21
N ASN A 235 3.34 13.54 -22.94
CA ASN A 235 2.94 14.41 -21.83
C ASN A 235 3.94 14.27 -20.70
N PRO A 236 5.06 15.00 -20.78
CA PRO A 236 6.00 15.00 -19.66
C PRO A 236 5.29 15.43 -18.39
N ILE A 237 5.57 14.74 -17.30
CA ILE A 237 4.99 15.07 -16.01
C ILE A 237 6.11 15.59 -15.14
N GLN A 238 5.94 16.79 -14.60
CA GLN A 238 6.97 17.41 -13.78
C GLN A 238 7.04 16.68 -12.45
N LEU A 239 8.23 16.17 -12.10
CA LEU A 239 8.42 15.54 -10.81
C LEU A 239 7.98 16.49 -9.70
N SER A 240 7.27 15.96 -8.72
CA SER A 240 6.83 16.84 -7.66
C SER A 240 6.54 16.06 -6.39
N SER A 241 6.98 16.61 -5.25
CA SER A 241 6.64 16.07 -3.94
C SER A 241 5.72 17.01 -3.16
N TYR A 242 5.16 18.03 -3.82
N TYR A 242 5.18 18.06 -3.80
CA TYR A 242 4.39 19.07 -3.13
CA TYR A 242 4.39 19.04 -3.07
C TYR A 242 3.24 18.50 -2.30
C TYR A 242 3.29 18.40 -2.23
N SER A 243 2.49 17.54 -2.84
CA SER A 243 1.31 17.05 -2.11
C SER A 243 1.69 16.31 -0.83
N LEU A 244 2.95 15.90 -0.67
CA LEU A 244 3.34 15.17 0.52
C LEU A 244 3.35 16.05 1.77
N PHE A 245 3.39 17.37 1.60
CA PHE A 245 3.47 18.27 2.74
C PHE A 245 2.11 18.69 3.27
N ASP A 246 1.01 18.17 2.73
CA ASP A 246 -0.32 18.51 3.24
C ASP A 246 -1.12 17.24 3.46
N MET A 247 -1.14 16.79 4.71
CA MET A 247 -1.71 15.52 5.09
C MET A 247 -2.99 15.68 5.90
N SER A 248 -3.53 16.90 5.98
CA SER A 248 -4.66 17.13 6.89
C SER A 248 -5.91 16.40 6.43
N LYS A 249 -6.08 16.20 5.12
CA LYS A 249 -7.24 15.50 4.60
C LYS A 249 -6.90 14.08 4.15
N PHE A 250 -5.79 13.52 4.64
CA PHE A 250 -5.34 12.23 4.13
C PHE A 250 -6.26 11.06 4.45
N PRO A 251 -6.76 10.90 5.69
CA PRO A 251 -7.46 9.65 6.03
C PRO A 251 -8.62 9.36 5.10
N LEU A 252 -8.75 8.09 4.72
CA LEU A 252 -9.89 7.67 3.94
C LEU A 252 -11.17 7.86 4.75
N LYS A 253 -12.14 8.53 4.16
CA LYS A 253 -13.38 8.85 4.85
C LYS A 253 -14.17 7.57 5.10
N LEU A 254 -14.58 7.34 6.35
CA LEU A 254 -15.37 6.14 6.65
C LEU A 254 -16.80 6.43 6.28
N ARG A 255 -17.23 5.94 5.12
CA ARG A 255 -18.55 6.21 4.56
C ARG A 255 -19.62 5.26 5.10
N GLY A 256 -19.23 4.21 5.82
CA GLY A 256 -20.17 3.20 6.28
C GLY A 256 -20.99 2.59 5.18
N THR A 257 -20.40 2.46 3.99
CA THR A 257 -21.11 1.92 2.83
C THR A 257 -21.82 0.64 3.18
N ALA A 258 -23.02 0.48 2.62
CA ALA A 258 -23.82 -0.71 2.89
C ALA A 258 -23.23 -1.95 2.24
N VAL A 259 -23.28 -3.06 2.96
CA VAL A 259 -22.86 -4.37 2.47
C VAL A 259 -24.09 -5.27 2.48
N MET A 260 -24.36 -5.90 1.34
CA MET A 260 -25.48 -6.82 1.19
C MET A 260 -25.01 -8.08 0.51
N SER A 261 -25.62 -9.19 0.87
CA SER A 261 -25.43 -10.43 0.14
C SER A 261 -26.56 -10.57 -0.86
N LEU A 262 -26.21 -10.77 -2.13
CA LEU A 262 -27.21 -10.89 -3.17
C LEU A 262 -26.77 -11.98 -4.14
N LYS A 263 -27.74 -12.51 -4.87
CA LYS A 263 -27.52 -13.59 -5.83
C LYS A 263 -27.64 -13.02 -7.23
N GLU A 264 -26.82 -13.57 -8.14
CA GLU A 264 -26.66 -12.96 -9.47
C GLU A 264 -28.00 -12.60 -10.11
N GLY A 265 -29.06 -13.35 -9.81
CA GLY A 265 -30.36 -13.03 -10.38
C GLY A 265 -30.93 -11.72 -9.90
N GLN A 266 -30.44 -11.18 -8.79
CA GLN A 266 -31.03 -9.99 -8.17
C GLN A 266 -30.27 -8.71 -8.49
N ILE A 267 -29.22 -8.76 -9.30
CA ILE A 267 -28.47 -7.55 -9.63
C ILE A 267 -29.19 -6.83 -10.76
N ASN A 268 -30.16 -5.99 -10.39
CA ASN A 268 -30.91 -5.19 -11.34
C ASN A 268 -30.21 -3.84 -11.54
N ASP A 269 -30.81 -2.99 -12.40
CA ASP A 269 -30.17 -1.73 -12.74
C ASP A 269 -30.13 -0.77 -11.56
N MET A 270 -31.14 -0.81 -10.68
CA MET A 270 -31.05 -0.01 -9.46
C MET A 270 -29.80 -0.38 -8.67
N ILE A 271 -29.54 -1.68 -8.50
CA ILE A 271 -28.36 -2.14 -7.78
C ILE A 271 -27.10 -1.71 -8.51
N LEU A 272 -27.01 -2.02 -9.81
CA LEU A 272 -25.88 -1.62 -10.61
C LEU A 272 -25.62 -0.13 -10.52
N SER A 273 -26.69 0.67 -10.38
CA SER A 273 -26.51 2.11 -10.25
C SER A 273 -25.87 2.46 -8.92
N LEU A 274 -26.31 1.82 -7.83
CA LEU A 274 -25.70 2.07 -6.53
C LEU A 274 -24.24 1.60 -6.50
N LEU A 275 -23.95 0.46 -7.14
CA LEU A 275 -22.57 0.00 -7.24
C LEU A 275 -21.71 1.04 -7.92
N SER A 276 -22.19 1.58 -9.04
CA SER A 276 -21.43 2.53 -9.84
C SER A 276 -21.13 3.83 -9.11
N LYS A 277 -21.91 4.15 -8.08
CA LYS A 277 -21.77 5.40 -7.34
C LYS A 277 -21.01 5.24 -6.04
N GLY A 278 -20.48 4.05 -5.76
CA GLY A 278 -19.75 3.87 -4.53
C GLY A 278 -20.62 3.76 -3.30
N ARG A 279 -21.89 3.39 -3.46
CA ARG A 279 -22.85 3.38 -2.37
C ARG A 279 -23.23 1.98 -1.92
N LEU A 280 -22.59 0.95 -2.46
CA LEU A 280 -23.01 -0.40 -2.13
C LEU A 280 -21.86 -1.37 -2.37
N ILE A 281 -21.71 -2.34 -1.47
CA ILE A 281 -20.81 -3.47 -1.62
C ILE A 281 -21.62 -4.75 -1.56
N ILE A 282 -21.35 -5.68 -2.45
CA ILE A 282 -22.08 -6.95 -2.47
C ILE A 282 -21.09 -8.07 -2.22
N ARG A 283 -21.23 -8.72 -1.08
CA ARG A 283 -20.43 -9.87 -0.68
C ARG A 283 -20.99 -10.39 0.63
N GLU A 284 -20.62 -11.62 0.97
CA GLU A 284 -20.90 -12.11 2.32
C GLU A 284 -20.09 -11.30 3.33
N ASN A 285 -20.56 -11.32 4.58
CA ASN A 285 -19.88 -10.61 5.65
C ASN A 285 -19.36 -11.56 6.72
N ASN A 286 -19.02 -12.78 6.31
CA ASN A 286 -18.51 -13.79 7.23
C ASN A 286 -17.13 -13.39 7.74
N ARG A 287 -16.46 -14.33 8.39
CA ARG A 287 -15.12 -14.08 8.88
C ARG A 287 -14.12 -14.22 7.74
N VAL A 288 -12.99 -13.54 7.89
CA VAL A 288 -11.95 -13.53 6.87
C VAL A 288 -10.94 -14.63 7.18
N VAL A 289 -10.79 -15.57 6.25
CA VAL A 289 -9.87 -16.70 6.39
C VAL A 289 -9.03 -16.77 5.11
N ILE A 290 -7.72 -16.91 5.29
CA ILE A 290 -6.77 -16.93 4.20
C ILE A 290 -5.83 -18.10 4.43
N SER A 291 -5.12 -18.48 3.38
CA SER A 291 -4.09 -19.50 3.54
C SER A 291 -3.14 -19.43 2.36
N SER A 292 -1.96 -20.02 2.52
CA SER A 292 -1.02 -20.15 1.42
C SER A 292 -0.64 -21.62 1.28
N ASP A 293 -0.69 -22.11 0.04
CA ASP A 293 -0.32 -23.50 -0.21
C ASP A 293 1.17 -23.68 0.02
N VAL A 294 1.53 -24.80 0.63
CA VAL A 294 2.93 -25.16 0.84
C VAL A 294 3.21 -26.47 0.13
N LEU A 295 4.22 -26.47 -0.74
CA LEU A 295 4.67 -27.66 -1.42
C LEU A 295 5.58 -28.46 -0.48
N VAL A 296 5.30 -29.75 -0.32
CA VAL A 296 6.06 -30.58 0.60
C VAL A 296 7.04 -31.43 -0.19
N ASN A 297 8.29 -31.48 0.28
CA ASN A 297 9.39 -32.18 -0.36
C ASN A 297 10.31 -32.77 0.70
N ASN A 298 10.74 -34.02 0.48
CA ASN A 298 11.80 -34.63 1.29
C ASN A 298 12.98 -34.91 0.37
N GLU A 299 14.07 -34.16 0.55
CA GLU A 299 15.25 -34.19 -0.32
C GLU A 299 16.34 -35.14 0.17
N ASN A 300 16.06 -35.98 1.17
CA ASN A 300 17.04 -36.91 1.72
C ASN A 300 17.19 -38.15 0.83
N ALA B 19 16.38 -22.54 30.75
CA ALA B 19 17.30 -21.66 31.45
C ALA B 19 17.96 -20.68 30.50
N PHE B 20 18.46 -21.18 29.36
CA PHE B 20 19.08 -20.32 28.36
C PHE B 20 18.04 -19.70 27.44
N ALA B 21 18.26 -18.42 27.12
CA ALA B 21 17.43 -17.66 26.19
C ALA B 21 18.26 -16.50 25.69
N VAL B 22 18.30 -16.29 24.37
CA VAL B 22 19.05 -15.16 23.84
C VAL B 22 18.46 -13.87 24.39
N ASP B 23 19.34 -12.94 24.79
CA ASP B 23 18.89 -11.64 25.28
C ASP B 23 19.17 -10.62 24.17
N ALA B 24 18.19 -10.45 23.29
CA ALA B 24 18.37 -9.53 22.16
C ALA B 24 18.43 -8.08 22.64
N ALA B 25 17.53 -7.70 23.55
CA ALA B 25 17.55 -6.34 24.09
C ALA B 25 18.95 -5.98 24.57
N LYS B 26 19.55 -6.84 25.39
CA LYS B 26 20.86 -6.54 25.94
C LYS B 26 21.92 -6.49 24.84
N ALA B 27 21.82 -7.39 23.86
CA ALA B 27 22.81 -7.42 22.79
C ALA B 27 22.80 -6.13 21.98
N TYR B 28 21.61 -5.59 21.71
CA TYR B 28 21.55 -4.39 20.90
C TYR B 28 22.12 -3.20 21.67
N LYS B 29 21.78 -3.07 22.96
CA LYS B 29 22.33 -2.00 23.78
C LYS B 29 23.86 -2.05 23.79
N ASP B 30 24.45 -3.24 23.93
CA ASP B 30 25.91 -3.33 23.96
C ASP B 30 26.50 -3.02 22.60
N TYR B 31 25.89 -3.53 21.53
CA TYR B 31 26.33 -3.16 20.18
C TYR B 31 26.30 -1.65 20.00
N LEU B 32 25.24 -0.99 20.47
CA LEU B 32 25.17 0.46 20.36
C LEU B 32 26.27 1.14 21.18
N ALA B 33 26.43 0.71 22.43
CA ALA B 33 27.41 1.33 23.32
C ALA B 33 28.82 1.26 22.75
N SER B 34 29.15 0.19 22.04
CA SER B 34 30.46 0.03 21.44
C SER B 34 30.56 0.68 20.06
N GLY B 35 29.64 1.59 19.73
CA GLY B 35 29.73 2.33 18.48
C GLY B 35 29.12 1.68 17.26
N GLY B 36 28.11 0.83 17.42
CA GLY B 36 27.48 0.21 16.27
C GLY B 36 26.47 1.12 15.59
N GLN B 37 26.31 0.94 14.29
CA GLN B 37 25.32 1.71 13.53
C GLN B 37 23.92 1.28 13.91
N PRO B 38 23.03 2.20 14.28
CA PRO B 38 21.66 1.80 14.65
C PRO B 38 20.94 1.12 13.48
N ILE B 39 19.96 0.29 13.83
CA ILE B 39 19.15 -0.37 12.81
C ILE B 39 18.48 0.68 11.93
N THR B 40 18.53 0.48 10.63
CA THR B 40 18.01 1.43 9.65
C THR B 40 16.72 0.90 9.01
N ASN B 41 16.19 1.70 8.09
CA ASN B 41 15.02 1.37 7.30
C ASN B 41 13.76 1.25 8.14
N CYS B 42 13.74 1.89 9.31
CA CYS B 42 12.46 2.09 9.98
C CYS B 42 11.59 2.98 9.09
N VAL B 43 10.31 2.63 8.98
CA VAL B 43 9.44 3.24 7.98
C VAL B 43 8.87 4.53 8.56
N LYS B 44 9.38 5.67 8.12
CA LYS B 44 8.90 6.97 8.60
C LYS B 44 7.68 7.41 7.80
N MET B 45 6.63 7.86 8.50
CA MET B 45 5.36 8.21 7.89
C MET B 45 5.29 9.70 7.59
N LEU B 46 4.53 10.06 6.57
CA LEU B 46 4.15 11.45 6.40
C LEU B 46 2.93 11.75 7.27
N CYS B 47 2.95 12.90 7.94
CA CYS B 47 1.82 13.28 8.78
C CYS B 47 1.88 14.79 8.98
N THR B 48 0.86 15.33 9.66
CA THR B 48 0.78 16.78 9.85
C THR B 48 1.75 17.27 10.90
N HIS B 49 2.16 16.41 11.83
CA HIS B 49 2.95 16.82 12.98
C HIS B 49 2.20 17.79 13.89
N THR B 50 0.87 17.63 13.95
CA THR B 50 0.02 18.38 14.87
C THR B 50 -0.82 17.41 15.71
N GLY B 51 -0.30 16.21 15.97
CA GLY B 51 -1.05 15.19 16.66
C GLY B 51 -0.82 15.21 18.17
N THR B 52 -1.43 14.24 18.85
CA THR B 52 -1.43 14.23 20.32
C THR B 52 -0.06 14.06 20.93
N GLY B 53 0.90 13.50 20.20
CA GLY B 53 2.23 13.24 20.75
C GLY B 53 2.35 12.01 21.64
N GLN B 54 1.27 11.23 21.80
CA GLN B 54 1.36 10.00 22.58
C GLN B 54 2.33 9.01 21.92
N ALA B 55 2.79 8.04 22.71
CA ALA B 55 3.91 7.21 22.29
C ALA B 55 3.54 6.24 21.18
N ILE B 56 2.45 5.50 21.35
CA ILE B 56 2.10 4.38 20.48
C ILE B 56 0.62 4.48 20.18
N THR B 57 0.27 4.64 18.90
CA THR B 57 -1.09 4.99 18.54
C THR B 57 -1.54 4.22 17.32
N VAL B 58 -2.86 4.21 17.10
CA VAL B 58 -3.41 3.45 15.96
C VAL B 58 -3.22 4.17 14.63
N THR B 59 -2.83 5.44 14.66
CA THR B 59 -2.56 6.24 13.47
C THR B 59 -1.46 7.21 13.86
N PRO B 60 -0.67 7.70 12.92
CA PRO B 60 0.43 8.62 13.28
C PRO B 60 -0.04 9.81 14.09
N GLU B 61 0.70 10.13 15.15
CA GLU B 61 0.29 11.21 16.04
C GLU B 61 1.46 12.13 16.41
N ALA B 62 2.52 12.16 15.62
CA ALA B 62 3.64 13.02 15.93
C ALA B 62 3.17 14.45 16.16
N ASN B 63 3.74 15.10 17.18
CA ASN B 63 3.58 16.53 17.32
C ASN B 63 4.78 17.20 16.67
N MET B 64 4.97 18.49 16.93
CA MET B 64 6.00 19.22 16.22
C MET B 64 7.40 18.72 16.52
N ASP B 65 7.57 18.01 17.64
CA ASP B 65 8.88 17.56 18.08
C ASP B 65 9.14 16.08 17.85
N GLN B 66 8.29 15.40 17.08
CA GLN B 66 8.39 13.95 16.90
C GLN B 66 8.30 13.57 15.43
N GLU B 67 8.75 12.36 15.13
CA GLU B 67 8.48 11.68 13.88
C GLU B 67 7.63 10.47 14.19
N SER B 68 6.75 10.09 13.26
CA SER B 68 5.96 8.87 13.42
C SER B 68 6.53 7.78 12.52
N PHE B 69 6.58 6.56 13.05
CA PHE B 69 7.09 5.42 12.30
C PHE B 69 6.10 4.27 12.35
N GLY B 70 6.11 3.45 11.30
CA GLY B 70 5.33 2.21 11.37
C GLY B 70 5.88 1.33 12.49
N GLY B 71 5.00 0.80 13.35
CA GLY B 71 5.46 0.18 14.58
C GLY B 71 6.34 -1.04 14.33
N ALA B 72 5.90 -1.95 13.46
CA ALA B 72 6.65 -3.20 13.26
C ALA B 72 8.10 -2.92 12.88
N SER B 73 8.33 -1.90 12.05
CA SER B 73 9.69 -1.62 11.61
C SER B 73 10.56 -1.04 12.74
N CYS B 74 9.96 -0.67 13.86
CA CYS B 74 10.71 -0.13 14.99
C CYS B 74 10.84 -1.13 16.14
N CYS B 75 10.41 -2.37 15.94
CA CYS B 75 10.39 -3.37 17.00
C CYS B 75 11.61 -4.27 16.83
N LEU B 76 12.51 -4.24 17.80
CA LEU B 76 13.70 -5.08 17.75
C LEU B 76 13.34 -6.52 17.42
N TYR B 77 12.32 -7.07 18.07
CA TYR B 77 12.01 -8.49 17.91
C TYR B 77 11.44 -8.76 16.53
N CYS B 78 10.50 -7.92 16.07
CA CYS B 78 10.04 -8.05 14.68
C CYS B 78 11.23 -8.01 13.72
N ARG B 79 12.09 -6.99 13.85
CA ARG B 79 13.14 -6.79 12.86
C ARG B 79 14.18 -7.91 12.90
N CYS B 80 14.42 -8.50 14.06
CA CYS B 80 15.42 -9.55 14.18
C CYS B 80 14.86 -10.94 13.95
N HIS B 81 13.55 -11.08 13.78
CA HIS B 81 12.94 -12.38 13.53
C HIS B 81 13.16 -13.29 14.73
N ILE B 82 12.81 -12.78 15.92
CA ILE B 82 12.94 -13.55 17.14
C ILE B 82 11.67 -13.38 17.97
N ASP B 83 11.49 -14.26 18.94
CA ASP B 83 10.27 -14.25 19.73
C ASP B 83 10.18 -12.99 20.56
N HIS B 84 8.95 -12.55 20.80
CA HIS B 84 8.76 -11.37 21.64
C HIS B 84 8.82 -11.77 23.11
N PRO B 85 9.42 -10.93 23.96
CA PRO B 85 9.54 -11.28 25.39
C PRO B 85 8.21 -11.50 26.09
N ASN B 86 7.15 -10.85 25.65
CA ASN B 86 5.82 -11.13 26.18
C ASN B 86 5.55 -12.65 26.10
N PRO B 87 5.07 -13.28 27.17
CA PRO B 87 4.80 -14.73 27.09
C PRO B 87 3.84 -15.10 25.98
N LYS B 88 2.87 -14.25 25.66
CA LYS B 88 1.94 -14.51 24.58
C LYS B 88 2.54 -14.25 23.21
N GLY B 89 3.78 -13.76 23.13
CA GLY B 89 4.34 -13.36 21.86
C GLY B 89 3.62 -12.20 21.20
N PHE B 90 2.91 -11.39 21.99
CA PHE B 90 2.23 -10.21 21.48
C PHE B 90 3.23 -9.07 21.30
N CYS B 91 3.03 -8.28 20.24
CA CYS B 91 3.89 -7.14 19.93
C CYS B 91 3.15 -5.85 20.23
N ASP B 92 3.75 -5.01 21.07
CA ASP B 92 3.17 -3.72 21.39
C ASP B 92 3.13 -2.76 20.20
N LEU B 93 3.98 -2.98 19.20
CA LEU B 93 4.20 -2.00 18.15
C LEU B 93 3.59 -2.38 16.81
N LYS B 94 3.60 -3.67 16.48
CA LYS B 94 3.13 -4.10 15.18
C LYS B 94 1.69 -3.67 14.96
N GLY B 95 1.42 -3.12 13.77
CA GLY B 95 0.09 -2.69 13.43
C GLY B 95 -0.27 -1.31 13.96
N LYS B 96 0.66 -0.66 14.65
CA LYS B 96 0.45 0.67 15.22
C LYS B 96 1.57 1.59 14.73
N TYR B 97 1.56 2.83 15.23
CA TYR B 97 2.57 3.83 14.89
C TYR B 97 3.23 4.29 16.17
N VAL B 98 4.54 4.49 16.13
CA VAL B 98 5.29 4.91 17.31
C VAL B 98 5.84 6.30 17.04
N GLN B 99 5.61 7.21 17.99
CA GLN B 99 6.14 8.56 17.91
C GLN B 99 7.51 8.60 18.59
N ILE B 100 8.52 9.03 17.84
CA ILE B 100 9.89 9.11 18.33
C ILE B 100 10.30 10.58 18.35
N PRO B 101 10.87 11.08 19.45
CA PRO B 101 11.40 12.44 19.45
C PRO B 101 12.34 12.64 18.28
N THR B 102 12.23 13.81 17.64
CA THR B 102 13.04 14.06 16.45
C THR B 102 14.52 13.91 16.75
N THR B 103 14.95 14.31 17.95
CA THR B 103 16.37 14.22 18.29
C THR B 103 16.85 12.78 18.42
N CYS B 104 15.94 11.82 18.60
CA CYS B 104 16.29 10.41 18.75
C CYS B 104 15.93 9.58 17.53
N ALA B 105 15.45 10.22 16.46
CA ALA B 105 14.91 9.49 15.32
C ALA B 105 15.98 8.82 14.48
N ASN B 106 17.26 9.03 14.78
CA ASN B 106 18.30 8.26 14.10
C ASN B 106 18.33 6.80 14.54
N ASP B 107 17.62 6.44 15.59
CA ASP B 107 17.65 5.08 16.15
C ASP B 107 16.33 4.77 16.82
N PRO B 108 15.26 4.59 16.03
CA PRO B 108 13.96 4.30 16.65
C PRO B 108 13.91 2.96 17.37
N VAL B 109 14.62 1.94 16.91
CA VAL B 109 14.61 0.67 17.62
C VAL B 109 15.23 0.85 19.00
N GLY B 110 16.39 1.49 19.06
CA GLY B 110 17.00 1.78 20.35
C GLY B 110 16.08 2.57 21.25
N PHE B 111 15.40 3.58 20.70
CA PHE B 111 14.55 4.41 21.53
C PHE B 111 13.40 3.60 22.14
N THR B 112 12.66 2.85 21.32
CA THR B 112 11.53 2.11 21.86
C THR B 112 11.99 1.08 22.88
N LEU B 113 13.18 0.52 22.68
CA LEU B 113 13.70 -0.50 23.59
C LEU B 113 14.02 0.10 24.95
N LYS B 114 14.76 1.21 24.97
CA LYS B 114 15.27 1.80 26.21
C LYS B 114 14.22 2.56 27.00
N ASN B 115 13.14 3.02 26.37
CA ASN B 115 12.20 3.88 27.06
C ASN B 115 10.90 3.13 27.37
N THR B 116 10.06 3.77 28.17
CA THR B 116 8.82 3.13 28.59
C THR B 116 7.69 4.15 28.52
N VAL B 117 6.48 3.63 28.27
CA VAL B 117 5.28 4.44 28.04
C VAL B 117 4.51 4.59 29.34
N CYS B 118 4.17 5.83 29.70
CA CYS B 118 3.36 6.05 30.88
C CYS B 118 1.97 5.43 30.70
N THR B 119 1.61 4.55 31.63
CA THR B 119 0.35 3.85 31.55
C THR B 119 -0.86 4.73 31.82
N VAL B 120 -0.67 5.97 32.26
CA VAL B 120 -1.78 6.86 32.59
C VAL B 120 -2.14 7.74 31.38
N CYS B 121 -1.15 8.49 30.89
CA CYS B 121 -1.37 9.48 29.85
C CYS B 121 -0.88 9.05 28.46
N GLY B 122 -0.24 7.89 28.34
CA GLY B 122 0.21 7.39 27.06
C GLY B 122 1.43 8.07 26.46
N MET B 123 2.03 9.05 27.14
CA MET B 123 3.24 9.69 26.65
C MET B 123 4.46 8.88 27.05
N TRP B 124 5.59 9.17 26.41
CA TRP B 124 6.85 8.58 26.82
C TRP B 124 7.29 9.19 28.14
N LYS B 125 7.70 8.34 29.07
CA LYS B 125 8.28 8.84 30.32
C LYS B 125 9.51 9.68 30.00
N GLY B 126 9.54 10.90 30.52
CA GLY B 126 10.65 11.80 30.27
C GLY B 126 10.66 12.42 28.89
N TYR B 127 9.63 12.19 28.08
CA TYR B 127 9.52 12.80 26.76
C TYR B 127 8.07 13.16 26.46
N GLY B 128 7.43 13.82 27.43
CA GLY B 128 6.04 14.21 27.27
C GLY B 128 5.19 13.97 28.50
N CYS B 129 5.47 12.89 29.23
CA CYS B 129 4.68 12.59 30.42
C CYS B 129 5.00 13.58 31.54
N SER B 130 3.93 14.14 32.13
CA SER B 130 4.09 15.13 33.19
C SER B 130 3.31 14.75 34.45
N CYS B 131 2.96 13.47 34.59
CA CYS B 131 2.17 13.00 35.73
C CYS B 131 2.92 13.08 37.05
N ASP B 132 4.15 13.63 37.05
CA ASP B 132 5.00 13.69 38.23
C ASP B 132 5.19 15.11 38.76
N GLN B 133 4.31 16.04 38.39
CA GLN B 133 4.43 17.43 38.83
C GLN B 133 3.12 17.92 39.46
O1 MES C . -14.87 8.56 -9.03
C2 MES C . -15.31 8.03 -10.26
C3 MES C . -14.69 8.75 -11.44
N4 MES C . -14.91 10.23 -11.32
C5 MES C . -14.38 10.71 -10.00
C6 MES C . -15.10 9.94 -8.91
C7 MES C . -14.36 10.97 -12.51
C8 MES C . -15.05 10.55 -13.79
S MES C . -14.58 11.62 -15.19
O1S MES C . -13.24 12.15 -14.83
O2S MES C . -15.65 12.66 -15.24
O3S MES C . -14.58 10.71 -16.35
C1 EDO D . -9.69 -20.73 3.06
O1 EDO D . -8.32 -20.45 2.88
C2 EDO D . -10.26 -21.12 1.71
O2 EDO D . -9.25 -20.99 0.72
C1 EDO E . 10.78 -1.11 -25.59
O1 EDO E . 11.56 -0.62 -24.51
C2 EDO E . 11.47 -2.23 -26.35
O2 EDO E . 10.86 -3.48 -26.09
C1 EDO F . 7.08 -1.86 -29.85
O1 EDO F . 8.10 -1.34 -30.69
C2 EDO F . 7.63 -2.73 -28.75
O2 EDO F . 7.28 -4.10 -28.95
NA NA G . -13.35 -0.11 -2.07
C1 EDO H . -10.47 -10.37 -18.46
O1 EDO H . -9.87 -11.55 -17.92
C2 EDO H . -11.39 -10.74 -19.60
O2 EDO H . -12.75 -10.51 -19.26
C1 EDO I . -10.71 11.89 -10.60
O1 EDO I . -10.07 12.58 -9.54
C2 EDO I . -10.14 12.31 -11.94
O2 EDO I . -8.76 11.99 -12.04
C1 EDO J . -17.51 -13.66 1.68
O1 EDO J . -16.72 -12.48 1.73
C2 EDO J . -17.44 -14.37 3.01
O2 EDO J . -17.42 -13.42 4.06
N1 A1IQS K . 14.76 6.42 -21.83
N3 A1IQS K . 12.33 4.59 -20.07
C4 A1IQS K . 13.07 5.52 -20.75
C5 A1IQS K . 10.97 4.87 -19.61
C6 A1IQS K . 16.07 6.70 -22.46
C7 A1IQS K . 16.44 5.93 -23.74
C8 A1IQS K . 17.95 6.08 -24.00
C10 A1IQS K . 19.09 7.89 -22.57
C13 A1IQS K . 18.91 8.85 -18.72
C15 A1IQS K . 20.39 6.68 -18.89
C17 A1IQS K . 21.45 8.60 -18.44
C20 A1IQS K . 20.04 4.34 -19.33
C21 A1IQS K . 19.52 5.62 -19.17
C22 A1IQS K . 17.20 6.75 -21.45
C24 A1IQS K . 14.77 1.81 -19.87
N A1IQS K . 14.20 3.13 -20.19
C A1IQS K . 12.89 3.36 -19.77
O A1IQS K . 12.25 2.50 -19.17
C1 A1IQS K . 15.02 4.03 -20.87
C11 A1IQS K . 17.69 9.07 -20.90
C12 A1IQS K . 18.74 9.69 -20.00
C14 A1IQS K . 20.20 8.10 -18.67
C16 A1IQS K . 21.76 6.42 -18.77
C18 A1IQS K . 22.28 5.14 -18.93
C19 A1IQS K . 21.40 4.10 -19.21
C2 A1IQS K . 14.35 5.27 -21.15
C23 A1IQS K . 16.06 4.45 -23.75
C3 A1IQS K . 13.68 7.26 -21.77
C9 A1IQS K . 18.62 7.46 -23.96
N2 A1IQS K . 12.65 6.76 -21.13
N4 A1IQS K . 18.00 7.95 -21.60
N5 A1IQS K . 18.35 11.06 -19.62
N6 A1IQS K . 22.39 7.61 -18.50
O1 A1IQS K . 16.18 3.74 -21.15
O2 A1IQS K . 15.67 6.55 -24.79
O3 A1IQS K . 17.70 8.43 -24.47
O4 A1IQS K . 16.58 9.59 -20.98
C1 EDO L . -12.78 -1.03 9.09
O1 EDO L . -13.56 -0.40 8.09
C2 EDO L . -13.14 -0.59 10.49
O2 EDO L . -14.50 -0.88 10.75
C1 EDO M . 15.67 10.58 9.82
O1 EDO M . 14.45 10.13 10.35
C2 EDO M . 15.49 11.93 9.16
O2 EDO M . 16.47 12.09 8.15
C1 EDO N . 11.18 18.02 -6.56
O1 EDO N . 11.92 18.39 -7.70
C2 EDO N . 10.22 19.13 -6.21
O2 EDO N . 9.21 18.62 -5.36
C1 EDO O . 5.01 -10.28 -15.06
O1 EDO O . 6.33 -10.07 -14.59
C2 EDO O . 4.73 -11.75 -15.06
O2 EDO O . 4.94 -12.27 -13.77
S DMS P . -22.64 -12.73 -6.80
O DMS P . -23.59 -11.70 -6.21
C1 DMS P . -21.05 -11.91 -7.07
C2 DMS P . -22.15 -13.83 -5.47
C1 EDO Q . 2.08 -24.13 -4.02
O1 EDO Q . 1.64 -24.99 -5.06
C2 EDO Q . 3.50 -24.39 -3.62
O2 EDO Q . 4.38 -24.15 -4.71
N SAM R . 9.12 -1.17 -0.81
CA SAM R . 8.01 -1.54 -1.75
C SAM R . 6.61 -1.46 -1.11
O SAM R . 5.73 -2.08 -1.73
OXT SAM R . 6.48 -0.86 -0.02
CB SAM R . 8.18 -2.98 -2.28
CG SAM R . 7.42 -3.42 -3.53
SD SAM R . 8.56 -4.29 -4.71
CE SAM R . 8.41 -3.08 -6.03
C5' SAM R . 7.67 -5.53 -5.79
C4' SAM R . 7.54 -6.91 -5.17
O4' SAM R . 6.80 -7.82 -6.00
C3' SAM R . 8.86 -7.62 -4.89
O3' SAM R . 9.24 -7.39 -3.54
C2' SAM R . 8.58 -9.11 -5.20
O2' SAM R . 8.99 -9.97 -4.15
C1' SAM R . 7.07 -9.11 -5.49
N9 SAM R . 6.67 -10.11 -6.47
C8 SAM R . 7.05 -10.21 -7.78
N7 SAM R . 6.56 -11.24 -8.41
C5 SAM R . 5.78 -11.88 -7.45
C6 SAM R . 4.99 -13.05 -7.47
N6 SAM R . 4.88 -13.85 -8.54
N1 SAM R . 4.36 -13.40 -6.33
C2 SAM R . 4.51 -12.63 -5.25
N3 SAM R . 5.23 -11.51 -5.11
C4 SAM R . 5.84 -11.18 -6.25
HN1 SAM R . 9.52 -0.40 -0.98
HN2 SAM R . 8.90 -1.09 0.04
HA SAM R . 8.08 -0.84 -2.43
HB1 SAM R . 9.13 -3.13 -2.45
HB2 SAM R . 7.94 -3.59 -1.56
HG1 SAM R . 6.70 -4.04 -3.29
HG2 SAM R . 7.03 -2.65 -3.99
HE1 SAM R . 8.67 -3.49 -6.88
HE2 SAM R . 7.47 -2.78 -6.08
HE3 SAM R . 8.99 -2.31 -5.83
H5'1 SAM R . 6.79 -5.15 -5.97
H5'2 SAM R . 8.18 -5.57 -6.63
H4' SAM R . 7.01 -6.85 -4.35
H3' SAM R . 9.61 -7.32 -5.46
HO3' SAM R . 8.66 -6.83 -3.25
H2' SAM R . 9.05 -9.40 -6.01
HO2' SAM R . 9.51 -9.52 -3.66
H1' SAM R . 6.53 -9.26 -4.69
H8 SAM R . 7.64 -9.55 -8.19
HN61 SAM R . 5.31 -13.65 -9.28
HN62 SAM R . 4.37 -14.57 -8.48
H2 SAM R . 4.03 -12.93 -4.46
HN3 SAM R . 9.80 -1.73 -0.78
NA NA S . 9.51 -2.68 -16.45
C1 EDO T . -4.57 0.21 13.63
O1 EDO T . -3.44 1.04 13.76
C2 EDO T . -5.37 0.62 12.41
O2 EDO T . -6.22 -0.42 11.98
ZN ZN U . 7.39 -6.66 17.34
ZN ZN V . 2.16 10.15 32.38
C1 EDO W . 18.08 -9.64 8.66
O1 EDO W . 18.19 -9.80 7.27
C2 EDO W . 16.74 -10.16 9.13
O2 EDO W . 16.68 -10.06 10.54
N1 IMD X . 17.94 -6.72 11.76
C2 IMD X . 17.65 -5.76 10.90
N3 IMD X . 18.77 -5.13 10.62
C4 IMD X . 19.81 -5.69 11.32
C5 IMD X . 19.27 -6.70 12.04
C1 EDO Y . 11.47 21.74 14.20
O1 EDO Y . 10.11 21.39 14.16
C2 EDO Y . 11.56 23.25 14.22
O2 EDO Y . 10.73 23.75 15.23
#